data_2PU1
#
_entry.id   2PU1
#
_cell.length_a   74.809
_cell.length_b   110.644
_cell.length_c   109.006
_cell.angle_alpha   90.00
_cell.angle_beta   90.00
_cell.angle_gamma   90.00
#
_symmetry.space_group_name_H-M   'C 2 2 21'
#
loop_
_entity.id
_entity.type
_entity.pdbx_description
1 polymer Enolase
2 non-polymer 'ZINC ION'
3 non-polymer '[(1S)-1-FLUORO-2-(HYDROXYAMINO)-2-OXOETHYL]PHOSPHONIC ACID'
4 non-polymer 1,2-ETHANEDIOL
5 water water
#
_entity_poly.entity_id   1
_entity_poly.type   'polypeptide(L)'
_entity_poly.pdbx_seq_one_letter_code
;GSHMTIQKVHGREVLDSRGNPTVEVEVTTEKGVFRSAVPSGASTGVYEACELRDGDKKRYVGKGCLQAVKNVNEVIGPAL
IGRDELKQEELDTLMLRLDGTPNKGKLGANAILGCSMAISKAAAAAKGVPLYRYLASLAGTKELRLPVPCFNVINGGKHA
GNALPFQEFMIAPVKATSFSEALRMGSEVYHSLRGIIKKKYGQDAVNVGDEGGFAPPIKDINEPLPILMEAIEEAGHRGK
FAICMDCAASETYDEKKQQYNLTFKSPEPTWVTAEQLRETYCKWAHDYPIVSIEDPYDQDDFAGFAGITEALKGKTQIVG
DDLTVTNTERIKMAIEKKACNSLLLKINQIGTISEAIASSKLCMENGWSVMVSHRSGETEDTYIADLVVALGSGQIKTGA
PCRGERTAKLNQLLRIEEELGAHAKFGFPGWS
;
_entity_poly.pdbx_strand_id   A
#
loop_
_chem_comp.id
_chem_comp.type
_chem_comp.name
_chem_comp.formula
EDO non-polymer 1,2-ETHANEDIOL 'C2 H6 O2'
FSG non-polymer '[(1S)-1-FLUORO-2-(HYDROXYAMINO)-2-OXOETHYL]PHOSPHONIC ACID' 'C2 H5 F N O5 P'
ZN non-polymer 'ZINC ION' 'Zn 2'
#
# COMPACT_ATOMS: atom_id res chain seq x y z
N SER A 2 10.22 -34.99 8.00
CA SER A 2 9.39 -34.86 6.77
C SER A 2 7.92 -34.63 7.08
N HIS A 3 7.40 -35.24 8.16
CA HIS A 3 5.96 -35.08 8.45
C HIS A 3 5.53 -33.62 8.63
N MET A 4 6.49 -32.76 8.94
CA MET A 4 6.18 -31.37 9.25
C MET A 4 6.39 -30.43 8.08
N THR A 5 6.78 -31.01 6.94
CA THR A 5 7.14 -30.19 5.77
C THR A 5 5.92 -29.83 4.87
N ILE A 6 6.19 -29.09 3.81
CA ILE A 6 5.17 -28.70 2.82
C ILE A 6 4.66 -29.97 2.12
N GLN A 7 3.34 -30.18 2.18
CA GLN A 7 2.71 -31.34 1.60
C GLN A 7 2.15 -31.09 0.20
N LYS A 8 1.58 -29.90 -0.02
CA LYS A 8 0.94 -29.55 -1.28
C LYS A 8 1.05 -28.03 -1.48
N VAL A 9 1.15 -27.63 -2.75
CA VAL A 9 1.14 -26.22 -3.12
C VAL A 9 0.22 -26.13 -4.33
N HIS A 10 -0.74 -25.21 -4.28
CA HIS A 10 -1.68 -25.08 -5.39
C HIS A 10 -2.08 -23.63 -5.57
N GLY A 11 -2.04 -23.17 -6.81
CA GLY A 11 -2.56 -21.84 -7.13
C GLY A 11 -3.85 -21.88 -7.91
N ARG A 12 -4.59 -20.77 -7.85
CA ARG A 12 -5.82 -20.63 -8.61
C ARG A 12 -6.02 -19.13 -8.93
N GLU A 13 -6.73 -18.88 -10.03
CA GLU A 13 -7.13 -17.55 -10.41
C GLU A 13 -8.38 -17.23 -9.56
N VAL A 14 -8.32 -16.10 -8.88
CA VAL A 14 -9.46 -15.52 -8.15
C VAL A 14 -9.68 -14.03 -8.58
N LEU A 15 -10.77 -13.41 -8.15
CA LEU A 15 -11.06 -12.02 -8.54
C LEU A 15 -10.61 -11.08 -7.45
N ASP A 16 -10.05 -9.95 -7.89
CA ASP A 16 -9.72 -8.85 -7.00
C ASP A 16 -10.94 -7.89 -6.90
N SER A 17 -10.77 -6.81 -6.12
CA SER A 17 -11.86 -5.97 -5.70
C SER A 17 -12.40 -5.07 -6.85
N ARG A 18 -11.67 -5.08 -7.97
CA ARG A 18 -12.13 -4.47 -9.23
C ARG A 18 -12.71 -5.50 -10.20
N GLY A 19 -12.79 -6.76 -9.75
CA GLY A 19 -13.28 -7.81 -10.62
C GLY A 19 -12.26 -8.33 -11.65
N ASN A 20 -10.98 -8.00 -11.45
CA ASN A 20 -9.94 -8.48 -12.33
C ASN A 20 -9.29 -9.75 -11.74
N PRO A 21 -8.86 -10.70 -12.59
CA PRO A 21 -8.22 -11.93 -12.07
C PRO A 21 -6.96 -11.59 -11.29
N THR A 22 -6.69 -12.37 -10.24
CA THR A 22 -5.36 -12.33 -9.64
C THR A 22 -5.00 -13.74 -9.15
N VAL A 23 -3.86 -13.87 -8.51
CA VAL A 23 -3.35 -15.19 -8.10
C VAL A 23 -3.57 -15.38 -6.60
N GLU A 24 -4.03 -16.59 -6.23
CA GLU A 24 -4.03 -17.02 -4.85
C GLU A 24 -3.30 -18.37 -4.78
N VAL A 25 -2.58 -18.60 -3.67
CA VAL A 25 -1.81 -19.81 -3.43
C VAL A 25 -2.17 -20.39 -2.08
N GLU A 26 -2.32 -21.71 -2.06
CA GLU A 26 -2.49 -22.46 -0.83
C GLU A 26 -1.27 -23.38 -0.66
N VAL A 27 -0.65 -23.24 0.51
CA VAL A 27 0.36 -24.22 0.98
C VAL A 27 -0.30 -25.10 2.05
N THR A 28 -0.26 -26.41 1.86
CA THR A 28 -0.85 -27.34 2.81
C THR A 28 0.30 -28.04 3.54
N THR A 29 0.18 -28.08 4.87
CA THR A 29 1.01 -28.91 5.74
C THR A 29 0.06 -29.70 6.67
N GLU A 30 0.64 -30.50 7.55
CA GLU A 30 -0.18 -31.26 8.49
C GLU A 30 -0.97 -30.34 9.43
N LYS A 31 -0.55 -29.08 9.54
CA LYS A 31 -1.17 -28.04 10.38
C LYS A 31 -2.36 -27.35 9.72
N GLY A 32 -2.50 -27.53 8.41
CA GLY A 32 -3.67 -27.00 7.74
C GLY A 32 -3.39 -26.48 6.34
N VAL A 33 -4.31 -25.64 5.88
CA VAL A 33 -4.23 -25.02 4.54
C VAL A 33 -4.01 -23.50 4.72
N PHE A 34 -2.93 -22.99 4.15
CA PHE A 34 -2.53 -21.60 4.39
C PHE A 34 -2.62 -20.87 3.08
N ARG A 35 -3.50 -19.88 3.05
CA ARG A 35 -3.93 -19.29 1.77
C ARG A 35 -3.55 -17.83 1.71
N SER A 36 -2.90 -17.43 0.60
CA SER A 36 -2.49 -16.02 0.45
C SER A 36 -2.83 -15.56 -0.96
N ALA A 37 -3.30 -14.30 -1.09
CA ALA A 37 -3.67 -13.78 -2.43
C ALA A 37 -2.85 -12.54 -2.72
N VAL A 38 -2.60 -12.31 -4.02
CA VAL A 38 -1.72 -11.24 -4.48
C VAL A 38 -2.55 -10.02 -4.93
N PRO A 39 -2.19 -8.83 -4.45
CA PRO A 39 -2.95 -7.62 -4.85
C PRO A 39 -2.49 -7.12 -6.23
N SER A 40 -3.10 -6.06 -6.76
CA SER A 40 -2.66 -5.59 -8.09
C SER A 40 -2.85 -4.09 -8.17
N GLY A 41 -1.77 -3.38 -8.52
CA GLY A 41 -1.83 -1.92 -8.74
C GLY A 41 -2.46 -1.49 -10.04
N ALA A 42 -2.96 -0.27 -10.07
CA ALA A 42 -3.40 0.40 -11.28
C ALA A 42 -2.33 1.44 -11.70
N SER A 43 -1.94 2.32 -10.77
CA SER A 43 -0.84 3.27 -11.03
C SER A 43 0.53 2.60 -10.70
N THR A 44 0.91 1.61 -11.49
CA THR A 44 2.10 0.80 -11.16
C THR A 44 3.37 1.53 -11.62
N GLY A 45 4.39 1.54 -10.74
CA GLY A 45 5.69 2.11 -11.12
C GLY A 45 6.36 1.31 -12.22
N VAL A 46 7.12 2.00 -13.06
CA VAL A 46 7.85 1.33 -14.16
C VAL A 46 8.87 0.32 -13.63
N TYR A 47 9.32 0.51 -12.39
CA TYR A 47 10.35 -0.33 -11.80
C TYR A 47 9.81 -1.46 -10.93
N GLU A 48 8.50 -1.65 -10.93
CA GLU A 48 7.92 -2.75 -10.15
C GLU A 48 8.26 -4.12 -10.77
N ALA A 49 8.35 -5.12 -9.89
CA ALA A 49 8.51 -6.52 -10.33
C ALA A 49 7.36 -6.91 -11.29
N CYS A 50 7.66 -7.84 -12.20
CA CYS A 50 6.73 -8.23 -13.23
C CYS A 50 5.43 -8.86 -12.70
N GLU A 51 4.31 -8.22 -13.05
CA GLU A 51 2.99 -8.84 -12.86
C GLU A 51 2.59 -9.52 -14.16
N LEU A 52 2.60 -10.83 -14.12
CA LEU A 52 2.49 -11.62 -15.34
C LEU A 52 1.01 -11.88 -15.65
N ARG A 53 0.56 -11.39 -16.80
CA ARG A 53 -0.82 -11.56 -17.28
C ARG A 53 -0.80 -12.34 -18.57
N ASP A 54 -1.95 -12.96 -18.93
CA ASP A 54 -2.02 -13.89 -20.06
C ASP A 54 -2.05 -13.23 -21.45
N GLY A 55 -2.71 -12.09 -21.55
CA GLY A 55 -2.86 -11.36 -22.82
C GLY A 55 -3.84 -12.01 -23.77
N ASP A 56 -4.73 -12.86 -23.24
CA ASP A 56 -5.72 -13.55 -24.07
C ASP A 56 -6.97 -12.67 -24.12
N LYS A 57 -7.18 -12.04 -25.28
CA LYS A 57 -8.31 -11.14 -25.47
C LYS A 57 -9.67 -11.79 -25.22
N LYS A 58 -9.73 -13.10 -25.40
CA LYS A 58 -10.99 -13.85 -25.14
C LYS A 58 -11.31 -14.13 -23.67
N ARG A 59 -10.38 -13.82 -22.76
CA ARG A 59 -10.63 -13.93 -21.31
C ARG A 59 -10.25 -12.66 -20.61
N TYR A 60 -11.22 -12.03 -19.95
CA TYR A 60 -10.92 -10.86 -19.12
C TYR A 60 -10.15 -9.76 -19.86
N VAL A 61 -10.45 -9.61 -21.14
CA VAL A 61 -9.74 -8.79 -22.15
C VAL A 61 -8.23 -8.77 -21.91
N GLY A 62 -7.66 -9.97 -21.94
CA GLY A 62 -6.26 -10.20 -21.64
C GLY A 62 -5.67 -10.10 -20.25
N LYS A 63 -6.47 -9.96 -19.18
CA LYS A 63 -5.94 -9.83 -17.83
C LYS A 63 -5.95 -11.16 -17.01
N GLY A 64 -6.19 -12.27 -17.71
CA GLY A 64 -6.13 -13.58 -17.02
C GLY A 64 -4.81 -13.83 -16.30
N CYS A 65 -4.84 -14.67 -15.26
CA CYS A 65 -3.58 -15.08 -14.59
C CYS A 65 -3.32 -16.60 -14.67
N LEU A 66 -3.86 -17.23 -15.70
CA LEU A 66 -3.66 -18.68 -15.91
C LEU A 66 -2.14 -19.01 -15.99
N GLN A 67 -1.35 -18.22 -16.69
CA GLN A 67 0.10 -18.53 -16.82
C GLN A 67 0.81 -18.46 -15.45
N ALA A 68 0.57 -17.39 -14.69
CA ALA A 68 1.14 -17.26 -13.35
C ALA A 68 0.71 -18.43 -12.45
N VAL A 69 -0.58 -18.80 -12.56
CA VAL A 69 -1.13 -19.95 -11.81
C VAL A 69 -0.45 -21.26 -12.24
N LYS A 70 -0.28 -21.43 -13.55
CA LYS A 70 0.42 -22.64 -14.08
C LYS A 70 1.88 -22.70 -13.56
N ASN A 71 2.55 -21.54 -13.50
CA ASN A 71 3.90 -21.42 -12.92
C ASN A 71 3.96 -21.87 -11.45
N VAL A 72 2.96 -21.49 -10.68
CA VAL A 72 2.82 -21.99 -9.32
C VAL A 72 2.62 -23.53 -9.33
N ASN A 73 1.63 -23.98 -10.09
CA ASN A 73 1.26 -25.41 -10.05
C ASN A 73 2.32 -26.37 -10.64
N GLU A 74 3.05 -25.92 -11.66
CA GLU A 74 3.93 -26.82 -12.44
C GLU A 74 5.40 -26.61 -12.21
N VAL A 75 5.75 -25.46 -11.65
CA VAL A 75 7.18 -25.15 -11.50
C VAL A 75 7.53 -24.90 -10.03
N ILE A 76 6.88 -23.93 -9.42
CA ILE A 76 7.29 -23.52 -8.08
C ILE A 76 6.83 -24.56 -7.05
N GLY A 77 5.57 -24.95 -7.15
CA GLY A 77 4.98 -25.88 -6.16
C GLY A 77 5.75 -27.20 -6.10
N PRO A 78 6.00 -27.85 -7.25
CA PRO A 78 6.76 -29.12 -7.18
C PRO A 78 8.13 -28.98 -6.49
N ALA A 79 8.80 -27.83 -6.68
CA ALA A 79 10.08 -27.51 -6.02
C ALA A 79 9.98 -27.41 -4.48
N LEU A 80 8.83 -26.98 -4.02
CA LEU A 80 8.61 -26.73 -2.60
C LEU A 80 8.19 -27.99 -1.82
N ILE A 81 7.62 -28.97 -2.50
CA ILE A 81 7.06 -30.13 -1.80
C ILE A 81 8.17 -30.83 -1.01
N GLY A 82 7.89 -31.05 0.28
CA GLY A 82 8.83 -31.78 1.14
C GLY A 82 9.85 -30.83 1.77
N ARG A 83 9.73 -29.54 1.51
CA ARG A 83 10.68 -28.58 2.06
C ARG A 83 10.21 -28.06 3.42
N ASP A 84 11.18 -27.67 4.23
CA ASP A 84 10.95 -27.01 5.53
C ASP A 84 10.49 -25.55 5.35
N GLU A 85 9.18 -25.33 5.56
CA GLU A 85 8.57 -24.00 5.42
C GLU A 85 9.17 -22.91 6.36
N LEU A 86 9.83 -23.31 7.46
CA LEU A 86 10.51 -22.36 8.36
C LEU A 86 11.67 -21.56 7.73
N LYS A 87 12.21 -22.11 6.64
CA LYS A 87 13.42 -21.57 6.02
C LYS A 87 13.00 -20.52 5.01
N GLN A 88 12.46 -19.42 5.52
CA GLN A 88 11.89 -18.35 4.65
C GLN A 88 12.92 -17.85 3.65
N GLU A 89 14.08 -17.43 4.15
CA GLU A 89 15.11 -16.85 3.26
C GLU A 89 15.55 -17.88 2.21
N GLU A 90 15.81 -19.09 2.65
CA GLU A 90 16.21 -20.17 1.76
C GLU A 90 15.16 -20.41 0.65
N LEU A 91 13.88 -20.48 1.01
CA LEU A 91 12.84 -20.78 0.03
C LEU A 91 12.55 -19.58 -0.91
N ASP A 92 12.53 -18.37 -0.34
CA ASP A 92 12.47 -17.15 -1.17
C ASP A 92 13.65 -17.10 -2.16
N THR A 93 14.87 -17.37 -1.68
CA THR A 93 16.02 -17.38 -2.57
C THR A 93 15.90 -18.45 -3.65
N LEU A 94 15.39 -19.65 -3.28
CA LEU A 94 15.17 -20.70 -4.24
C LEU A 94 14.23 -20.20 -5.37
N MET A 95 13.16 -19.51 -4.97
CA MET A 95 12.19 -19.01 -5.94
C MET A 95 12.82 -17.93 -6.81
N LEU A 96 13.65 -17.07 -6.21
CA LEU A 96 14.42 -16.09 -7.00
C LEU A 96 15.26 -16.80 -8.07
N ARG A 97 15.97 -17.85 -7.66
CA ARG A 97 16.84 -18.56 -8.59
C ARG A 97 16.05 -19.36 -9.63
N LEU A 98 14.89 -19.88 -9.22
CA LEU A 98 14.00 -20.60 -10.14
C LEU A 98 13.55 -19.71 -11.29
N ASP A 99 13.23 -18.47 -10.94
CA ASP A 99 12.94 -17.43 -11.93
C ASP A 99 14.16 -16.98 -12.78
N GLY A 100 15.28 -16.61 -12.12
CA GLY A 100 16.54 -16.37 -12.80
C GLY A 100 16.68 -14.99 -13.43
N THR A 101 15.67 -14.13 -13.23
CA THR A 101 15.68 -12.79 -13.91
C THR A 101 15.54 -11.70 -12.84
N PRO A 102 16.09 -10.51 -13.11
CA PRO A 102 16.04 -9.48 -12.09
C PRO A 102 14.64 -8.96 -11.76
N ASN A 103 13.72 -9.00 -12.71
CA ASN A 103 12.37 -8.43 -12.50
C ASN A 103 11.28 -9.49 -12.23
N LYS A 104 11.69 -10.76 -11.98
CA LYS A 104 10.75 -11.89 -11.88
C LYS A 104 9.86 -12.03 -13.13
N GLY A 105 10.44 -11.79 -14.31
CA GLY A 105 9.67 -11.77 -15.56
C GLY A 105 9.47 -13.15 -16.15
N LYS A 106 10.18 -14.14 -15.60
CA LYS A 106 10.00 -15.52 -16.13
C LYS A 106 8.80 -16.20 -15.48
N LEU A 107 8.81 -16.30 -14.15
CA LEU A 107 7.72 -16.93 -13.41
C LEU A 107 6.57 -15.98 -13.05
N GLY A 108 6.90 -14.68 -12.90
CA GLY A 108 5.93 -13.68 -12.44
C GLY A 108 6.12 -13.42 -10.96
N ALA A 109 6.20 -12.12 -10.59
CA ALA A 109 6.17 -11.74 -9.16
C ALA A 109 4.85 -12.17 -8.54
N ASN A 110 3.78 -12.21 -9.34
CA ASN A 110 2.46 -12.66 -8.89
C ASN A 110 2.30 -14.20 -8.77
N ALA A 111 3.23 -14.97 -9.30
CA ALA A 111 3.30 -16.39 -8.94
C ALA A 111 4.13 -16.60 -7.67
N ILE A 112 5.28 -15.93 -7.62
CA ILE A 112 6.24 -16.09 -6.51
C ILE A 112 5.67 -15.56 -5.17
N LEU A 113 5.10 -14.37 -5.21
CA LEU A 113 4.69 -13.74 -3.96
C LEU A 113 3.70 -14.56 -3.17
N GLY A 114 2.68 -15.08 -3.88
CA GLY A 114 1.63 -15.89 -3.19
C GLY A 114 2.28 -17.07 -2.44
N CYS A 115 3.29 -17.67 -3.06
CA CYS A 115 4.04 -18.76 -2.43
C CYS A 115 4.81 -18.28 -1.19
N SER A 116 5.51 -17.15 -1.35
CA SER A 116 6.33 -16.56 -0.28
C SER A 116 5.43 -16.25 0.95
N MET A 117 4.29 -15.66 0.68
CA MET A 117 3.30 -15.33 1.75
C MET A 117 2.79 -16.59 2.46
N ALA A 118 2.30 -17.54 1.66
CA ALA A 118 1.70 -18.74 2.20
C ALA A 118 2.72 -19.60 3.00
N ILE A 119 3.96 -19.70 2.49
CA ILE A 119 5.07 -20.35 3.25
C ILE A 119 5.16 -19.75 4.64
N SER A 120 5.13 -18.41 4.74
CA SER A 120 5.38 -17.75 6.03
C SER A 120 4.21 -18.04 7.00
N LYS A 121 3.00 -18.18 6.48
CA LYS A 121 1.82 -18.50 7.31
C LYS A 121 1.90 -19.96 7.75
N ALA A 122 2.31 -20.85 6.86
CA ALA A 122 2.53 -22.26 7.25
C ALA A 122 3.60 -22.39 8.33
N ALA A 123 4.66 -21.57 8.22
CA ALA A 123 5.75 -21.56 9.18
C ALA A 123 5.28 -21.03 10.53
N ALA A 124 4.54 -19.92 10.51
CA ALA A 124 3.92 -19.38 11.75
C ALA A 124 3.13 -20.47 12.48
N ALA A 125 2.37 -21.25 11.71
CA ALA A 125 1.54 -22.32 12.31
C ALA A 125 2.41 -23.44 12.87
N ALA A 126 3.49 -23.77 12.16
CA ALA A 126 4.49 -24.75 12.64
C ALA A 126 5.08 -24.34 13.96
N LYS A 127 5.40 -23.04 14.11
CA LYS A 127 5.92 -22.49 15.37
C LYS A 127 4.82 -22.33 16.43
N GLY A 128 3.55 -22.42 16.03
CA GLY A 128 2.43 -22.18 16.94
C GLY A 128 2.31 -20.75 17.44
N VAL A 129 2.63 -19.78 16.58
CA VAL A 129 2.46 -18.34 16.91
C VAL A 129 1.65 -17.63 15.82
N PRO A 130 1.00 -16.52 16.17
CA PRO A 130 0.32 -15.82 15.06
C PRO A 130 1.30 -15.26 14.03
N LEU A 131 0.81 -15.10 12.80
CA LEU A 131 1.60 -14.53 11.70
C LEU A 131 2.46 -13.30 12.13
N TYR A 132 1.85 -12.28 12.75
CA TYR A 132 2.58 -11.08 13.15
C TYR A 132 3.78 -11.40 14.08
N ARG A 133 3.60 -12.36 14.98
CA ARG A 133 4.71 -12.77 15.84
C ARG A 133 5.82 -13.42 15.02
N TYR A 134 5.42 -14.29 14.09
CA TYR A 134 6.40 -15.05 13.31
C TYR A 134 7.18 -14.06 12.40
N LEU A 135 6.47 -13.14 11.77
CA LEU A 135 7.12 -12.11 10.92
C LEU A 135 8.04 -11.13 11.70
N ALA A 136 7.65 -10.81 12.94
CA ALA A 136 8.46 -9.96 13.81
C ALA A 136 9.79 -10.69 14.10
N SER A 137 9.72 -12.00 14.33
CA SER A 137 10.98 -12.77 14.51
C SER A 137 11.88 -12.73 13.25
N LEU A 138 11.27 -12.91 12.07
CA LEU A 138 12.01 -12.82 10.78
C LEU A 138 12.66 -11.44 10.58
N ALA A 139 11.98 -10.40 11.05
CA ALA A 139 12.43 -9.04 10.86
C ALA A 139 13.33 -8.53 11.97
N GLY A 140 13.47 -9.28 13.06
CA GLY A 140 14.26 -8.81 14.22
C GLY A 140 13.62 -7.61 14.92
N THR A 141 12.30 -7.48 14.81
CA THR A 141 11.56 -6.32 15.40
C THR A 141 11.55 -6.39 16.93
N LYS A 142 12.02 -5.33 17.59
CA LYS A 142 12.10 -5.31 19.06
C LYS A 142 10.77 -4.97 19.74
N GLU A 143 9.93 -4.15 19.09
CA GLU A 143 8.63 -3.78 19.68
C GLU A 143 7.52 -3.76 18.66
N LEU A 144 6.52 -4.61 18.87
CA LEU A 144 5.34 -4.56 18.00
C LEU A 144 4.59 -3.26 18.28
N ARG A 145 3.88 -2.79 17.26
CA ARG A 145 2.89 -1.72 17.49
C ARG A 145 1.73 -1.75 16.52
N LEU A 146 0.59 -1.27 17.02
CA LEU A 146 -0.56 -1.06 16.14
C LEU A 146 -0.31 0.26 15.41
N PRO A 147 -0.54 0.24 14.10
CA PRO A 147 -0.26 1.43 13.28
C PRO A 147 -1.35 2.50 13.31
N VAL A 148 -0.97 3.74 13.05
CA VAL A 148 -2.00 4.69 12.65
C VAL A 148 -2.48 4.33 11.22
N PRO A 149 -3.80 4.15 11.04
CA PRO A 149 -4.39 3.92 9.71
C PRO A 149 -4.53 5.24 8.95
N CYS A 150 -4.10 5.25 7.69
CA CYS A 150 -4.21 6.47 6.88
C CYS A 150 -5.26 6.17 5.79
N PHE A 151 -6.39 6.87 5.91
CA PHE A 151 -7.61 6.48 5.20
C PHE A 151 -7.78 7.35 3.96
N ASN A 152 -7.72 6.73 2.78
CA ASN A 152 -7.91 7.49 1.54
C ASN A 152 -9.41 7.79 1.29
N VAL A 153 -9.84 9.00 1.67
CA VAL A 153 -11.29 9.27 1.72
C VAL A 153 -11.82 10.17 0.59
N ILE A 154 -10.93 10.94 -0.07
N ILE A 154 -10.93 10.87 -0.10
CA ILE A 154 -11.24 11.75 -1.30
CA ILE A 154 -11.32 11.40 -1.38
C ILE A 154 -10.14 11.54 -2.38
C ILE A 154 -10.44 10.77 -2.45
N ASN A 155 -10.54 11.26 -3.63
N ASN A 155 -11.11 10.10 -3.37
CA ASN A 155 -9.54 10.89 -4.64
CA ASN A 155 -10.47 9.26 -4.38
C ASN A 155 -9.55 11.68 -5.95
C ASN A 155 -10.33 9.98 -5.70
N GLY A 156 -8.47 11.54 -6.71
N GLY A 156 -9.14 9.89 -6.26
CA GLY A 156 -8.37 12.13 -8.03
CA GLY A 156 -8.88 10.51 -7.53
C GLY A 156 -7.28 11.61 -8.99
C GLY A 156 -7.85 9.69 -8.25
N GLY A 157 -7.25 10.32 -9.25
CA GLY A 157 -6.22 9.70 -10.11
C GLY A 157 -6.71 8.92 -11.35
N LYS A 158 -5.82 8.05 -11.83
CA LYS A 158 -6.04 7.17 -12.97
C LYS A 158 -7.29 6.32 -12.70
N HIS A 159 -8.38 6.47 -13.48
CA HIS A 159 -9.69 5.80 -13.17
C HIS A 159 -9.79 5.70 -11.63
N ALA A 160 -9.97 6.82 -10.93
CA ALA A 160 -11.27 7.41 -10.59
C ALA A 160 -12.19 8.12 -11.54
N GLY A 161 -13.48 7.98 -11.20
CA GLY A 161 -14.62 8.61 -11.87
C GLY A 161 -14.81 10.06 -11.46
N ASN A 162 -13.87 10.90 -11.91
CA ASN A 162 -13.92 12.35 -11.69
C ASN A 162 -12.74 13.01 -12.37
N ALA A 163 -12.72 14.35 -12.34
CA ALA A 163 -11.66 15.13 -12.98
C ALA A 163 -10.37 15.22 -12.18
N LEU A 164 -10.43 14.86 -10.89
CA LEU A 164 -9.34 15.13 -9.94
C LEU A 164 -8.05 14.38 -10.34
N PRO A 165 -6.92 15.11 -10.48
CA PRO A 165 -5.68 14.54 -11.09
C PRO A 165 -4.75 13.76 -10.14
N PHE A 166 -4.65 14.24 -8.89
CA PHE A 166 -3.84 13.62 -7.84
C PHE A 166 -4.65 12.58 -7.08
N GLN A 167 -3.96 11.56 -6.61
CA GLN A 167 -4.63 10.32 -6.43
C GLN A 167 -5.33 10.16 -5.09
N GLU A 168 -4.70 10.58 -3.99
CA GLU A 168 -5.25 10.20 -2.68
C GLU A 168 -5.18 11.36 -1.71
N PHE A 169 -6.33 11.65 -1.09
CA PHE A 169 -6.40 12.65 0.00
C PHE A 169 -6.83 11.89 1.21
N MET A 170 -5.91 11.76 2.17
CA MET A 170 -6.12 10.87 3.31
C MET A 170 -6.25 11.58 4.64
N ILE A 171 -6.99 10.96 5.55
CA ILE A 171 -7.10 11.43 6.92
C ILE A 171 -6.49 10.33 7.81
N ALA A 172 -5.76 10.77 8.84
CA ALA A 172 -5.10 9.85 9.79
C ALA A 172 -5.33 10.36 11.23
N PRO A 173 -5.98 9.53 12.08
CA PRO A 173 -6.26 9.86 13.51
C PRO A 173 -4.99 9.71 14.37
N VAL A 174 -4.02 10.60 14.12
CA VAL A 174 -2.69 10.46 14.74
C VAL A 174 -2.69 10.63 16.27
N LYS A 175 -3.71 11.31 16.79
CA LYS A 175 -3.84 11.58 18.22
C LYS A 175 -4.74 10.57 18.94
N ALA A 176 -5.25 9.57 18.22
CA ALA A 176 -5.91 8.44 18.86
C ALA A 176 -4.89 7.75 19.80
N THR A 177 -5.37 7.09 20.85
CA THR A 177 -4.45 6.43 21.79
C THR A 177 -4.58 4.92 21.73
N SER A 178 -5.46 4.43 20.85
CA SER A 178 -5.56 3.00 20.52
C SER A 178 -5.98 2.83 19.06
N PHE A 179 -5.73 1.65 18.53
CA PHE A 179 -6.22 1.35 17.20
C PHE A 179 -7.78 1.34 17.15
N SER A 180 -8.42 0.81 18.19
CA SER A 180 -9.91 0.78 18.25
C SER A 180 -10.44 2.22 18.11
N GLU A 181 -9.87 3.12 18.89
CA GLU A 181 -10.27 4.53 18.86
C GLU A 181 -9.95 5.15 17.49
N ALA A 182 -8.75 4.87 16.97
CA ALA A 182 -8.31 5.35 15.63
C ALA A 182 -9.36 4.94 14.56
N LEU A 183 -9.74 3.67 14.56
CA LEU A 183 -10.64 3.15 13.56
C LEU A 183 -12.05 3.74 13.68
N ARG A 184 -12.58 3.80 14.90
CA ARG A 184 -13.87 4.46 15.10
C ARG A 184 -13.88 5.93 14.64
N MET A 185 -12.86 6.69 15.06
CA MET A 185 -12.78 8.09 14.66
C MET A 185 -12.73 8.22 13.15
N GLY A 186 -11.91 7.37 12.51
CA GLY A 186 -11.84 7.34 11.03
C GLY A 186 -13.19 7.11 10.37
N SER A 187 -13.91 6.11 10.86
CA SER A 187 -15.25 5.85 10.36
C SER A 187 -16.21 7.02 10.60
N GLU A 188 -16.19 7.60 11.79
CA GLU A 188 -17.07 8.70 12.11
C GLU A 188 -16.83 9.91 11.19
N VAL A 189 -15.56 10.24 10.97
CA VAL A 189 -15.20 11.36 10.04
C VAL A 189 -15.67 11.03 8.60
N TYR A 190 -15.45 9.77 8.18
CA TYR A 190 -15.86 9.29 6.86
C TYR A 190 -17.36 9.51 6.67
N HIS A 191 -18.14 9.16 7.69
CA HIS A 191 -19.58 9.36 7.66
C HIS A 191 -20.00 10.82 7.60
N SER A 192 -19.32 11.64 8.39
CA SER A 192 -19.56 13.10 8.33
C SER A 192 -19.22 13.67 6.94
N LEU A 193 -18.13 13.15 6.39
CA LEU A 193 -17.67 13.61 5.08
C LEU A 193 -18.71 13.28 3.97
N ARG A 194 -19.30 12.09 4.03
CA ARG A 194 -20.37 11.71 3.08
C ARG A 194 -21.48 12.76 3.04
N GLY A 195 -21.97 13.18 4.22
CA GLY A 195 -23.01 14.20 4.30
C GLY A 195 -22.60 15.57 3.76
N ILE A 196 -21.36 15.96 4.07
CA ILE A 196 -20.80 17.21 3.60
C ILE A 196 -20.70 17.24 2.06
N ILE A 197 -20.23 16.11 1.48
CA ILE A 197 -20.11 15.95 0.03
C ILE A 197 -21.50 15.96 -0.59
N LYS A 198 -22.44 15.23 -0.01
CA LYS A 198 -23.82 15.23 -0.53
C LYS A 198 -24.44 16.64 -0.60
N LYS A 199 -24.29 17.43 0.45
CA LYS A 199 -24.87 18.77 0.52
C LYS A 199 -24.20 19.73 -0.50
N LYS A 200 -22.88 19.63 -0.64
CA LYS A 200 -22.11 20.52 -1.51
C LYS A 200 -22.18 20.14 -2.99
N TYR A 201 -22.14 18.84 -3.28
CA TYR A 201 -22.05 18.36 -4.68
C TYR A 201 -23.29 17.60 -5.18
N GLY A 202 -24.20 17.25 -4.29
CA GLY A 202 -25.44 16.58 -4.68
C GLY A 202 -25.40 15.08 -4.40
N GLN A 203 -26.57 14.45 -4.47
CA GLN A 203 -26.69 13.01 -4.17
C GLN A 203 -25.81 12.14 -5.07
N ASP A 204 -25.57 12.59 -6.30
CA ASP A 204 -24.76 11.85 -7.29
C ASP A 204 -23.28 11.79 -6.97
N ALA A 205 -22.85 12.49 -5.92
CA ALA A 205 -21.43 12.71 -5.66
C ALA A 205 -20.81 11.81 -4.60
N VAL A 206 -21.62 10.90 -4.02
CA VAL A 206 -21.18 10.11 -2.86
C VAL A 206 -21.02 8.60 -3.16
N ASN A 207 -20.98 8.24 -4.44
CA ASN A 207 -20.56 6.86 -4.78
C ASN A 207 -19.03 6.74 -4.58
N VAL A 208 -18.52 5.52 -4.48
CA VAL A 208 -17.14 5.37 -4.03
C VAL A 208 -16.17 4.93 -5.12
N GLY A 209 -14.91 5.34 -4.92
CA GLY A 209 -13.78 4.88 -5.71
C GLY A 209 -13.29 3.49 -5.36
N ASP A 210 -12.23 3.10 -6.06
CA ASP A 210 -11.61 1.79 -5.88
C ASP A 210 -11.20 1.48 -4.45
N GLU A 211 -10.75 2.50 -3.70
CA GLU A 211 -10.32 2.26 -2.34
C GLU A 211 -11.35 2.68 -1.27
N GLY A 212 -12.59 2.90 -1.70
CA GLY A 212 -13.71 3.19 -0.80
C GLY A 212 -13.88 4.65 -0.38
N GLY A 213 -13.03 5.54 -0.91
CA GLY A 213 -13.24 6.96 -0.67
C GLY A 213 -14.24 7.57 -1.64
N PHE A 214 -14.61 8.81 -1.39
CA PHE A 214 -15.50 9.49 -2.30
C PHE A 214 -14.78 10.03 -3.50
N ALA A 215 -15.46 10.00 -4.63
CA ALA A 215 -14.94 10.62 -5.82
C ALA A 215 -15.91 11.71 -6.32
N PRO A 216 -15.99 12.86 -5.59
CA PRO A 216 -16.93 13.95 -5.90
C PRO A 216 -16.46 14.65 -7.18
N PRO A 217 -17.37 15.39 -7.84
CA PRO A 217 -17.03 16.06 -9.11
C PRO A 217 -16.16 17.28 -8.85
N ILE A 218 -14.92 17.00 -8.43
CA ILE A 218 -13.90 18.01 -8.14
C ILE A 218 -12.78 17.85 -9.18
N LYS A 219 -12.30 18.97 -9.71
CA LYS A 219 -11.14 19.00 -10.63
C LYS A 219 -9.80 19.49 -10.00
N ASP A 220 -9.88 20.58 -9.21
CA ASP A 220 -8.74 21.23 -8.56
CA ASP A 220 -8.69 21.18 -8.60
C ASP A 220 -8.22 20.46 -7.34
N ILE A 221 -6.89 20.28 -7.27
CA ILE A 221 -6.23 19.50 -6.22
C ILE A 221 -6.31 20.13 -4.83
N ASN A 222 -6.59 21.43 -4.75
CA ASN A 222 -6.67 22.06 -3.42
C ASN A 222 -8.00 21.88 -2.72
N GLU A 223 -9.05 21.65 -3.53
CA GLU A 223 -10.46 21.72 -3.08
C GLU A 223 -10.82 20.64 -2.02
N PRO A 224 -10.26 19.40 -2.13
CA PRO A 224 -10.57 18.47 -1.05
C PRO A 224 -10.15 18.85 0.38
N LEU A 225 -9.12 19.68 0.55
CA LEU A 225 -8.56 19.87 1.89
C LEU A 225 -9.49 20.57 2.91
N PRO A 226 -10.10 21.72 2.57
CA PRO A 226 -11.07 22.28 3.51
C PRO A 226 -12.19 21.32 3.90
N ILE A 227 -12.60 20.50 2.94
CA ILE A 227 -13.69 19.58 3.13
C ILE A 227 -13.28 18.53 4.18
N LEU A 228 -12.03 18.08 4.12
CA LEU A 228 -11.50 17.12 5.10
C LEU A 228 -11.51 17.72 6.51
N MET A 229 -11.04 18.98 6.62
CA MET A 229 -11.03 19.66 7.92
C MET A 229 -12.44 19.84 8.44
N GLU A 230 -13.39 20.16 7.56
CA GLU A 230 -14.79 20.29 7.97
C GLU A 230 -15.38 18.95 8.52
N ALA A 231 -15.14 17.85 7.82
CA ALA A 231 -15.58 16.51 8.28
C ALA A 231 -14.95 16.16 9.64
N ILE A 232 -13.66 16.41 9.78
CA ILE A 232 -12.98 16.17 11.07
C ILE A 232 -13.68 16.94 12.22
N GLU A 233 -13.95 18.23 11.99
CA GLU A 233 -14.65 19.08 12.94
C GLU A 233 -16.07 18.58 13.25
N GLU A 234 -16.83 18.29 12.19
CA GLU A 234 -18.23 17.91 12.33
C GLU A 234 -18.42 16.61 13.11
N ALA A 235 -17.51 15.67 12.88
CA ALA A 235 -17.52 14.38 13.55
C ALA A 235 -17.17 14.47 15.05
N GLY A 236 -16.75 15.67 15.48
CA GLY A 236 -16.33 15.95 16.86
C GLY A 236 -14.87 15.62 17.18
N HIS A 237 -14.00 15.52 16.16
CA HIS A 237 -12.60 15.16 16.36
C HIS A 237 -11.57 16.24 15.99
N ARG A 238 -11.99 17.52 16.06
CA ARG A 238 -11.05 18.65 15.88
C ARG A 238 -9.73 18.37 16.60
N GLY A 239 -8.63 18.49 15.87
CA GLY A 239 -7.31 18.41 16.50
C GLY A 239 -6.75 17.00 16.62
N LYS A 240 -7.56 15.98 16.35
CA LYS A 240 -7.11 14.59 16.52
C LYS A 240 -6.49 14.00 15.26
N PHE A 241 -6.58 14.74 14.15
CA PHE A 241 -6.31 14.18 12.81
C PHE A 241 -5.21 14.93 12.09
N ALA A 242 -4.52 14.22 11.22
CA ALA A 242 -3.62 14.80 10.24
C ALA A 242 -4.02 14.32 8.84
N ILE A 243 -3.39 14.91 7.83
CA ILE A 243 -3.65 14.55 6.45
C ILE A 243 -2.40 13.92 5.84
N CYS A 244 -2.59 12.93 4.97
CA CYS A 244 -1.53 12.38 4.15
C CYS A 244 -1.97 12.48 2.71
N MET A 245 -1.00 12.71 1.81
CA MET A 245 -1.33 12.81 0.39
C MET A 245 -0.62 11.70 -0.37
N ASP A 246 -1.27 11.18 -1.41
CA ASP A 246 -0.54 10.45 -2.44
C ASP A 246 -0.81 11.12 -3.77
N CYS A 247 0.20 11.81 -4.27
CA CYS A 247 0.06 12.58 -5.51
C CYS A 247 0.11 11.67 -6.75
N ALA A 248 0.82 10.53 -6.63
CA ALA A 248 1.11 9.63 -7.76
C ALA A 248 1.50 10.46 -9.00
N ALA A 249 2.46 11.34 -8.80
CA ALA A 249 2.69 12.44 -9.73
C ALA A 249 3.21 11.95 -11.11
N SER A 250 3.75 10.75 -11.17
CA SER A 250 4.20 10.16 -12.46
C SER A 250 3.02 10.04 -13.43
N GLU A 251 1.83 9.72 -12.91
CA GLU A 251 0.60 9.51 -13.71
C GLU A 251 0.11 10.78 -14.44
N THR A 252 0.65 11.94 -14.08
CA THR A 252 0.25 13.23 -14.63
C THR A 252 1.38 13.78 -15.50
N TYR A 253 2.55 13.18 -15.35
CA TYR A 253 3.79 13.70 -15.91
C TYR A 253 3.96 13.31 -17.39
N ASP A 254 4.42 14.26 -18.17
CA ASP A 254 4.79 14.00 -19.56
C ASP A 254 6.31 14.16 -19.69
N GLU A 255 6.95 13.08 -20.14
CA GLU A 255 8.42 13.01 -20.26
C GLU A 255 9.03 14.00 -21.26
N LYS A 256 8.43 14.11 -22.44
CA LYS A 256 8.98 14.99 -23.49
C LYS A 256 8.89 16.49 -23.14
N LYS A 257 7.89 16.87 -22.34
CA LYS A 257 7.67 18.27 -21.97
C LYS A 257 8.25 18.57 -20.59
N GLN A 258 8.40 17.53 -19.78
CA GLN A 258 8.91 17.64 -18.41
C GLN A 258 7.99 18.49 -17.52
N GLN A 259 6.67 18.30 -17.69
CA GLN A 259 5.64 19.03 -16.92
C GLN A 259 4.49 18.11 -16.56
N TYR A 260 3.69 18.55 -15.60
CA TYR A 260 2.62 17.74 -15.05
C TYR A 260 1.24 18.22 -15.54
N ASN A 261 0.42 17.28 -16.02
CA ASN A 261 -0.92 17.59 -16.54
C ASN A 261 -2.03 17.29 -15.51
N LEU A 262 -2.57 18.38 -14.94
CA LEU A 262 -3.53 18.28 -13.84
C LEU A 262 -4.99 18.52 -14.24
N THR A 263 -5.32 18.64 -15.52
CA THR A 263 -6.29 17.75 -16.16
C THR A 263 -6.09 16.67 -17.23
N PHE A 264 -5.30 15.65 -16.94
CA PHE A 264 -5.09 14.56 -17.89
C PHE A 264 -6.38 13.74 -18.20
N LYS A 265 -7.41 13.88 -17.38
CA LYS A 265 -8.68 13.16 -17.56
C LYS A 265 -9.78 14.04 -18.19
N SER A 266 -9.38 15.23 -18.64
CA SER A 266 -10.31 16.20 -19.21
C SER A 266 -9.94 16.49 -20.66
N PRO A 267 -10.88 17.06 -21.44
CA PRO A 267 -10.57 17.44 -22.84
C PRO A 267 -9.37 18.39 -22.96
N GLU A 268 -9.36 19.49 -22.21
CA GLU A 268 -8.26 20.46 -22.22
C GLU A 268 -7.20 20.13 -21.15
N PRO A 269 -5.90 20.32 -21.49
CA PRO A 269 -4.80 20.03 -20.56
C PRO A 269 -4.38 21.22 -19.69
N THR A 270 -3.94 20.93 -18.46
CA THR A 270 -3.36 21.96 -17.58
C THR A 270 -1.91 21.61 -17.28
N TRP A 271 -1.00 22.28 -17.99
CA TRP A 271 0.43 22.05 -17.82
C TRP A 271 0.98 22.87 -16.65
N VAL A 272 1.54 22.16 -15.68
CA VAL A 272 2.15 22.77 -14.50
C VAL A 272 3.57 22.19 -14.32
N THR A 273 4.52 23.05 -13.98
CA THR A 273 5.92 22.61 -13.76
C THR A 273 6.14 21.99 -12.37
N ALA A 274 7.38 21.51 -12.19
CA ALA A 274 7.83 20.89 -10.95
C ALA A 274 8.05 21.90 -9.80
N GLU A 275 8.37 23.16 -10.09
CA GLU A 275 8.40 24.10 -8.94
C GLU A 275 7.09 24.80 -8.61
N GLN A 276 6.21 24.90 -9.61
CA GLN A 276 4.79 25.18 -9.41
C GLN A 276 4.16 24.16 -8.45
N LEU A 277 4.65 22.92 -8.53
CA LEU A 277 4.30 21.87 -7.59
C LEU A 277 4.86 22.11 -6.18
N ARG A 278 6.15 22.40 -6.09
CA ARG A 278 6.78 22.57 -4.79
C ARG A 278 6.14 23.72 -3.99
N GLU A 279 5.83 24.81 -4.71
CA GLU A 279 5.04 25.92 -4.23
C GLU A 279 3.74 25.42 -3.59
N THR A 280 2.98 24.63 -4.36
CA THR A 280 1.73 24.01 -3.87
C THR A 280 1.97 23.18 -2.62
N TYR A 281 3.00 22.32 -2.62
CA TYR A 281 3.27 21.42 -1.48
C TYR A 281 3.66 22.18 -0.21
N CYS A 282 4.50 23.20 -0.35
CA CYS A 282 4.92 24.02 0.81
C CYS A 282 3.71 24.73 1.41
N LYS A 283 2.80 25.15 0.53
CA LYS A 283 1.56 25.84 0.92
C LYS A 283 0.59 24.90 1.63
N TRP A 284 0.40 23.70 1.07
CA TRP A 284 -0.39 22.63 1.66
C TRP A 284 0.05 22.38 3.10
N ALA A 285 1.36 22.19 3.26
CA ALA A 285 1.99 21.82 4.54
C ALA A 285 1.90 22.93 5.56
N HIS A 286 1.84 24.17 5.06
CA HIS A 286 1.61 25.27 5.93
C HIS A 286 0.11 25.43 6.33
N ASP A 287 -0.79 25.31 5.34
CA ASP A 287 -2.23 25.63 5.51
C ASP A 287 -2.99 24.55 6.29
N TYR A 288 -2.52 23.30 6.18
CA TYR A 288 -3.16 22.14 6.79
C TYR A 288 -2.17 21.26 7.56
N PRO A 289 -2.69 20.40 8.48
CA PRO A 289 -1.81 19.48 9.20
C PRO A 289 -1.41 18.31 8.29
N ILE A 290 -0.60 18.60 7.26
CA ILE A 290 -0.14 17.57 6.32
C ILE A 290 1.17 16.96 6.79
N VAL A 291 1.07 15.72 7.25
CA VAL A 291 2.25 15.08 7.85
C VAL A 291 2.99 14.16 6.90
N SER A 292 2.39 13.90 5.73
CA SER A 292 2.97 12.95 4.76
C SER A 292 2.52 13.25 3.34
N ILE A 293 3.49 13.27 2.43
CA ILE A 293 3.21 13.45 1.01
C ILE A 293 4.00 12.39 0.30
N GLU A 294 3.27 11.52 -0.39
CA GLU A 294 3.81 10.44 -1.17
C GLU A 294 3.86 10.72 -2.68
N ASP A 295 4.93 10.29 -3.33
CA ASP A 295 5.19 10.51 -4.77
C ASP A 295 4.81 11.94 -5.22
N PRO A 296 5.40 12.97 -4.57
CA PRO A 296 5.14 14.36 -4.95
C PRO A 296 5.63 14.67 -6.38
N TYR A 297 6.60 13.90 -6.85
CA TYR A 297 7.18 14.04 -8.18
C TYR A 297 7.22 12.72 -8.95
N ASP A 298 7.57 12.82 -10.24
CA ASP A 298 7.78 11.66 -11.09
C ASP A 298 8.78 10.68 -10.48
N GLN A 299 8.63 9.41 -10.84
CA GLN A 299 9.35 8.29 -10.23
C GLN A 299 10.84 8.28 -10.51
N ASP A 300 11.32 9.05 -11.49
CA ASP A 300 12.78 9.25 -11.65
C ASP A 300 13.27 10.67 -11.34
N ASP A 301 12.39 11.52 -10.82
CA ASP A 301 12.84 12.86 -10.45
C ASP A 301 13.44 12.84 -9.04
N PHE A 302 14.67 12.33 -8.93
CA PHE A 302 15.30 12.25 -7.62
C PHE A 302 15.62 13.66 -7.06
N ALA A 303 15.94 14.60 -7.94
CA ALA A 303 16.28 15.97 -7.53
C ALA A 303 15.06 16.69 -6.97
N GLY A 304 13.89 16.49 -7.62
CA GLY A 304 12.62 17.08 -7.16
C GLY A 304 12.27 16.56 -5.78
N PHE A 305 12.34 15.23 -5.64
CA PHE A 305 12.09 14.56 -4.37
C PHE A 305 13.01 15.12 -3.27
N ALA A 306 14.32 15.18 -3.54
CA ALA A 306 15.29 15.69 -2.56
C ALA A 306 14.95 17.12 -2.10
N GLY A 307 14.61 17.99 -3.06
CA GLY A 307 14.20 19.39 -2.79
C GLY A 307 13.05 19.49 -1.80
N ILE A 308 11.96 18.73 -2.02
CA ILE A 308 10.80 18.82 -1.11
C ILE A 308 11.09 18.14 0.24
N THR A 309 11.83 17.02 0.22
CA THR A 309 12.26 16.32 1.43
C THR A 309 13.02 17.31 2.36
N GLU A 310 13.95 18.08 1.78
CA GLU A 310 14.68 19.11 2.54
C GLU A 310 13.79 20.24 3.03
N ALA A 311 12.95 20.77 2.16
CA ALA A 311 12.11 21.93 2.48
C ALA A 311 11.06 21.65 3.58
N LEU A 312 10.58 20.40 3.67
CA LEU A 312 9.60 19.97 4.71
C LEU A 312 10.18 19.07 5.83
N LYS A 313 11.49 18.91 5.91
CA LYS A 313 12.16 18.11 6.96
C LYS A 313 11.61 18.44 8.37
N GLY A 314 11.24 17.42 9.14
CA GLY A 314 10.71 17.59 10.50
C GLY A 314 9.24 17.96 10.63
N LYS A 315 8.63 18.28 9.49
CA LYS A 315 7.22 18.65 9.43
C LYS A 315 6.40 17.65 8.62
N THR A 316 6.92 17.28 7.45
CA THR A 316 6.18 16.41 6.54
C THR A 316 7.11 15.36 5.95
N GLN A 317 6.89 14.09 6.27
CA GLN A 317 7.68 13.02 5.67
C GLN A 317 7.34 12.96 4.20
N ILE A 318 8.35 12.62 3.41
CA ILE A 318 8.18 12.43 1.96
C ILE A 318 8.36 10.95 1.68
N VAL A 319 7.31 10.33 1.11
CA VAL A 319 7.23 8.88 0.96
C VAL A 319 7.48 8.49 -0.50
N GLY A 320 8.46 7.63 -0.69
CA GLY A 320 8.70 7.01 -1.99
C GLY A 320 7.72 5.84 -2.20
N ASP A 321 7.07 5.82 -3.36
CA ASP A 321 6.26 4.64 -3.67
C ASP A 321 6.73 4.14 -5.03
N ASP A 322 6.34 4.82 -6.11
CA ASP A 322 6.92 4.54 -7.43
C ASP A 322 8.44 4.83 -7.51
N LEU A 323 8.93 5.78 -6.71
CA LEU A 323 10.35 6.09 -6.71
C LEU A 323 11.17 4.86 -6.28
N THR A 324 10.69 4.18 -5.25
CA THR A 324 11.50 3.20 -4.52
C THR A 324 11.11 1.75 -4.80
N VAL A 325 9.87 1.58 -5.23
CA VAL A 325 9.19 0.29 -5.51
C VAL A 325 9.64 -0.87 -4.56
N THR A 326 9.72 -0.57 -3.26
CA THR A 326 10.03 -1.58 -2.21
C THR A 326 11.29 -2.40 -2.57
N ASN A 327 12.26 -1.74 -3.20
CA ASN A 327 13.38 -2.41 -3.83
C ASN A 327 14.70 -1.87 -3.30
N THR A 328 15.49 -2.71 -2.63
CA THR A 328 16.74 -2.20 -1.99
C THR A 328 17.68 -1.44 -2.95
N GLU A 329 17.71 -1.82 -4.23
CA GLU A 329 18.52 -1.06 -5.18
C GLU A 329 18.04 0.40 -5.42
N ARG A 330 16.73 0.59 -5.58
CA ARG A 330 16.17 1.93 -5.79
C ARG A 330 16.28 2.70 -4.48
N ILE A 331 16.04 2.00 -3.37
CA ILE A 331 16.13 2.60 -2.03
C ILE A 331 17.55 3.14 -1.79
N LYS A 332 18.57 2.39 -2.22
CA LYS A 332 19.93 2.88 -2.09
C LYS A 332 20.16 4.15 -2.89
N MET A 333 19.56 4.25 -4.09
CA MET A 333 19.69 5.48 -4.86
C MET A 333 19.02 6.66 -4.14
N ALA A 334 17.82 6.41 -3.60
CA ALA A 334 17.07 7.40 -2.83
C ALA A 334 17.82 7.88 -1.56
N ILE A 335 18.43 6.95 -0.82
CA ILE A 335 19.28 7.30 0.33
C ILE A 335 20.48 8.19 -0.07
N GLU A 336 21.19 7.74 -1.10
CA GLU A 336 22.34 8.48 -1.62
C GLU A 336 21.98 9.93 -1.97
N LYS A 337 20.77 10.14 -2.49
CA LYS A 337 20.39 11.46 -2.96
C LYS A 337 19.54 12.23 -1.93
N LYS A 338 19.33 11.62 -0.77
CA LYS A 338 18.39 12.11 0.25
C LYS A 338 17.04 12.50 -0.40
N ALA A 339 16.54 11.61 -1.27
CA ALA A 339 15.38 11.86 -2.10
C ALA A 339 14.05 11.81 -1.32
N CYS A 340 14.03 11.03 -0.24
CA CYS A 340 12.81 10.84 0.57
C CYS A 340 13.18 10.30 1.97
N ASN A 341 12.23 10.24 2.89
CA ASN A 341 12.53 9.71 4.24
C ASN A 341 11.44 8.76 4.77
N SER A 342 10.62 8.23 3.84
CA SER A 342 9.62 7.22 4.18
C SER A 342 9.49 6.25 3.02
N LEU A 343 9.37 4.96 3.35
CA LEU A 343 9.16 3.90 2.36
C LEU A 343 7.69 3.51 2.36
N LEU A 344 7.06 3.56 1.18
CA LEU A 344 5.79 2.89 1.01
C LEU A 344 6.04 1.39 0.71
N LEU A 345 5.70 0.53 1.65
CA LEU A 345 6.11 -0.89 1.51
C LEU A 345 4.99 -1.71 0.88
N LYS A 346 5.28 -2.23 -0.31
CA LYS A 346 4.29 -2.98 -1.10
C LYS A 346 4.94 -4.31 -1.45
N ILE A 347 4.49 -5.36 -0.76
CA ILE A 347 5.13 -6.69 -0.95
C ILE A 347 5.17 -7.07 -2.43
N ASN A 348 4.11 -6.71 -3.17
CA ASN A 348 4.05 -7.09 -4.62
C ASN A 348 4.78 -6.17 -5.59
N GLN A 349 5.44 -5.13 -5.06
CA GLN A 349 6.35 -4.32 -5.87
C GLN A 349 7.70 -5.01 -6.02
N ILE A 350 7.98 -5.94 -5.10
CA ILE A 350 9.29 -6.65 -5.09
C ILE A 350 9.13 -8.18 -5.27
N GLY A 351 8.12 -8.76 -4.62
CA GLY A 351 7.64 -10.11 -4.97
C GLY A 351 8.01 -11.24 -4.01
N THR A 352 8.83 -10.95 -2.98
CA THR A 352 9.03 -11.92 -1.88
C THR A 352 8.96 -11.27 -0.53
N ILE A 353 8.52 -12.05 0.44
CA ILE A 353 8.55 -11.55 1.84
C ILE A 353 9.97 -11.20 2.31
N SER A 354 10.95 -12.05 1.98
CA SER A 354 12.35 -11.82 2.45
C SER A 354 12.83 -10.48 1.89
N GLU A 355 12.57 -10.22 0.61
CA GLU A 355 13.04 -8.95 0.05
C GLU A 355 12.29 -7.74 0.63
N ALA A 356 10.98 -7.87 0.85
CA ALA A 356 10.17 -6.76 1.42
C ALA A 356 10.72 -6.46 2.85
N ILE A 357 11.00 -7.50 3.61
CA ILE A 357 11.58 -7.29 4.98
C ILE A 357 12.96 -6.61 4.92
N ALA A 358 13.83 -7.08 4.01
CA ALA A 358 15.11 -6.45 3.76
C ALA A 358 14.92 -4.94 3.42
N SER A 359 13.94 -4.61 2.59
CA SER A 359 13.69 -3.18 2.25
C SER A 359 13.32 -2.37 3.51
N SER A 360 12.41 -2.91 4.31
CA SER A 360 11.98 -2.25 5.57
C SER A 360 13.17 -2.02 6.51
N LYS A 361 13.96 -3.07 6.74
CA LYS A 361 15.14 -2.98 7.59
C LYS A 361 16.17 -1.95 7.08
N LEU A 362 16.44 -1.91 5.79
CA LEU A 362 17.36 -0.92 5.21
C LEU A 362 16.88 0.53 5.40
N CYS A 363 15.60 0.74 5.11
CA CYS A 363 15.00 2.07 5.33
C CYS A 363 15.03 2.48 6.79
N MET A 364 14.62 1.60 7.72
CA MET A 364 14.63 1.95 9.16
C MET A 364 16.02 2.22 9.72
N GLU A 365 17.00 1.42 9.28
CA GLU A 365 18.38 1.62 9.67
C GLU A 365 18.96 2.93 9.18
N ASN A 366 18.38 3.51 8.14
CA ASN A 366 18.81 4.80 7.67
C ASN A 366 17.88 5.92 8.09
N GLY A 367 17.05 5.66 9.10
CA GLY A 367 16.20 6.68 9.72
C GLY A 367 14.88 7.00 9.07
N TRP A 368 14.47 6.20 8.08
CA TRP A 368 13.18 6.42 7.43
C TRP A 368 12.06 5.78 8.23
N SER A 369 10.86 6.32 8.05
CA SER A 369 9.67 5.64 8.48
C SER A 369 9.27 4.66 7.36
N VAL A 370 8.35 3.76 7.69
CA VAL A 370 7.83 2.77 6.75
C VAL A 370 6.30 2.73 6.89
N MET A 371 5.61 2.96 5.78
CA MET A 371 4.16 2.88 5.75
C MET A 371 3.85 1.65 4.91
N VAL A 372 3.41 0.60 5.58
CA VAL A 372 2.95 -0.62 4.87
C VAL A 372 1.67 -0.28 4.13
N SER A 373 1.56 -0.79 2.90
CA SER A 373 0.46 -0.39 1.98
C SER A 373 -0.25 -1.55 1.26
N HIS A 374 -1.56 -1.35 1.05
CA HIS A 374 -2.34 -2.12 0.07
C HIS A 374 -1.96 -1.73 -1.37
N ARG A 375 -2.61 -2.38 -2.34
CA ARG A 375 -2.73 -1.84 -3.72
C ARG A 375 -4.15 -1.38 -3.99
N SER A 376 -4.35 -0.59 -5.04
CA SER A 376 -5.70 -0.10 -5.36
C SER A 376 -6.59 -1.30 -5.77
N GLY A 377 -5.97 -2.38 -6.30
CA GLY A 377 -6.68 -3.68 -6.52
C GLY A 377 -6.33 -4.63 -5.36
N GLU A 378 -7.30 -4.83 -4.46
CA GLU A 378 -7.08 -5.67 -3.30
C GLU A 378 -7.94 -6.92 -3.30
N THR A 379 -7.72 -7.77 -2.30
CA THR A 379 -8.58 -8.91 -2.10
C THR A 379 -8.95 -8.99 -0.63
N GLU A 380 -9.70 -10.03 -0.30
CA GLU A 380 -10.01 -10.32 1.10
C GLU A 380 -8.79 -10.78 1.95
N ASP A 381 -7.62 -10.93 1.32
CA ASP A 381 -6.36 -11.22 2.02
C ASP A 381 -6.06 -10.13 3.10
N THR A 382 -5.55 -10.54 4.26
CA THR A 382 -5.22 -9.56 5.34
C THR A 382 -3.76 -9.51 5.75
N TYR A 383 -2.89 -10.10 4.93
CA TYR A 383 -1.46 -10.21 5.23
C TYR A 383 -0.84 -8.90 5.74
N ILE A 384 -1.14 -7.78 5.10
CA ILE A 384 -0.48 -6.53 5.45
C ILE A 384 -0.83 -6.06 6.89
N ALA A 385 -1.99 -6.48 7.43
CA ALA A 385 -2.33 -6.14 8.86
C ALA A 385 -1.28 -6.78 9.80
N ASP A 386 -1.06 -8.09 9.62
CA ASP A 386 -0.01 -8.76 10.37
C ASP A 386 1.37 -8.18 10.07
N LEU A 387 1.67 -7.94 8.81
CA LEU A 387 3.00 -7.40 8.42
C LEU A 387 3.34 -6.06 9.10
N VAL A 388 2.39 -5.11 9.08
CA VAL A 388 2.68 -3.80 9.66
C VAL A 388 2.94 -3.87 11.18
N VAL A 389 2.16 -4.71 11.86
CA VAL A 389 2.36 -4.91 13.29
C VAL A 389 3.72 -5.57 13.53
N ALA A 390 4.04 -6.59 12.71
CA ALA A 390 5.33 -7.33 12.79
C ALA A 390 6.56 -6.40 12.59
N LEU A 391 6.45 -5.44 11.69
CA LEU A 391 7.55 -4.47 11.46
C LEU A 391 7.60 -3.33 12.50
N GLY A 392 6.50 -3.15 13.23
CA GLY A 392 6.44 -2.16 14.31
C GLY A 392 6.52 -0.74 13.77
N SER A 393 6.09 -0.56 12.51
CA SER A 393 6.39 0.73 11.82
C SER A 393 5.46 1.86 12.24
N GLY A 394 4.29 1.50 12.76
CA GLY A 394 3.34 2.52 13.24
C GLY A 394 2.51 3.23 12.17
N GLN A 395 2.65 2.85 10.92
CA GLN A 395 1.92 3.48 9.78
C GLN A 395 1.42 2.42 8.75
N ILE A 396 0.12 2.47 8.44
CA ILE A 396 -0.51 1.62 7.38
C ILE A 396 -1.43 2.46 6.54
N LYS A 397 -1.44 2.24 5.22
CA LYS A 397 -2.56 2.72 4.42
C LYS A 397 -3.21 1.50 3.77
N THR A 398 -4.47 1.32 4.08
CA THR A 398 -5.18 0.18 3.56
C THR A 398 -6.61 0.51 3.14
N GLY A 399 -6.86 1.78 2.78
CA GLY A 399 -8.18 2.21 2.25
C GLY A 399 -8.94 3.14 3.20
N ALA A 400 -10.01 3.73 2.66
CA ALA A 400 -11.09 4.27 3.47
C ALA A 400 -11.68 3.12 4.33
N PRO A 401 -12.42 3.48 5.40
CA PRO A 401 -13.14 2.48 6.21
C PRO A 401 -14.42 2.02 5.47
N CYS A 402 -14.27 1.52 4.24
CA CYS A 402 -15.38 1.18 3.37
C CYS A 402 -14.82 0.25 2.28
N ARG A 403 -15.60 -0.78 1.95
CA ARG A 403 -15.27 -1.86 1.01
C ARG A 403 -14.51 -2.95 1.75
N GLY A 404 -15.06 -4.16 1.62
CA GLY A 404 -14.53 -5.37 2.31
C GLY A 404 -13.03 -5.66 2.14
N GLU A 405 -12.43 -5.33 0.99
CA GLU A 405 -11.00 -5.57 0.81
C GLU A 405 -10.13 -4.56 1.60
N ARG A 406 -10.78 -3.53 2.13
CA ARG A 406 -10.14 -2.54 3.01
C ARG A 406 -10.50 -2.90 4.48
N THR A 407 -11.79 -3.03 4.78
CA THR A 407 -12.24 -3.26 6.15
C THR A 407 -11.69 -4.62 6.64
N ALA A 408 -11.46 -5.57 5.73
CA ALA A 408 -10.88 -6.87 6.20
C ALA A 408 -9.50 -6.64 6.89
N LYS A 409 -8.65 -5.76 6.34
CA LYS A 409 -7.38 -5.42 7.02
C LYS A 409 -7.62 -4.71 8.36
N LEU A 410 -8.50 -3.72 8.37
CA LEU A 410 -8.79 -2.92 9.58
C LEU A 410 -9.32 -3.82 10.68
N ASN A 411 -10.15 -4.77 10.26
CA ASN A 411 -10.74 -5.70 11.22
C ASN A 411 -9.63 -6.65 11.76
N GLN A 412 -8.77 -7.13 10.89
CA GLN A 412 -7.63 -7.96 11.36
C GLN A 412 -6.74 -7.22 12.39
N LEU A 413 -6.52 -5.93 12.16
CA LEU A 413 -5.86 -5.04 13.13
C LEU A 413 -6.59 -4.98 14.48
N LEU A 414 -7.93 -4.89 14.47
CA LEU A 414 -8.73 -5.07 15.73
C LEU A 414 -8.43 -6.37 16.46
N ARG A 415 -8.37 -7.48 15.70
CA ARG A 415 -8.11 -8.80 16.28
C ARG A 415 -6.69 -8.87 16.92
N ILE A 416 -5.72 -8.35 16.18
CA ILE A 416 -4.32 -8.29 16.68
C ILE A 416 -4.23 -7.42 17.96
N GLU A 417 -4.85 -6.23 17.91
CA GLU A 417 -4.88 -5.33 19.06
C GLU A 417 -5.45 -6.04 20.32
N GLU A 418 -6.54 -6.81 20.12
CA GLU A 418 -7.17 -7.50 21.23
C GLU A 418 -6.21 -8.55 21.81
N GLU A 419 -5.48 -9.24 20.93
CA GLU A 419 -4.53 -10.30 21.35
C GLU A 419 -3.39 -9.73 22.16
N LEU A 420 -2.96 -8.52 21.79
CA LEU A 420 -1.79 -7.88 22.40
C LEU A 420 -2.14 -7.17 23.71
N GLY A 421 -3.39 -6.75 23.84
CA GLY A 421 -3.92 -6.22 25.13
C GLY A 421 -3.64 -4.75 25.37
N ALA A 422 -4.03 -4.27 26.54
CA ALA A 422 -4.04 -2.81 26.82
C ALA A 422 -2.64 -2.15 26.85
N HIS A 423 -1.59 -2.94 27.07
CA HIS A 423 -0.23 -2.35 27.10
C HIS A 423 0.48 -2.25 25.75
N ALA A 424 -0.15 -2.77 24.68
CA ALA A 424 0.40 -2.68 23.32
C ALA A 424 0.52 -1.22 22.85
N LYS A 425 1.62 -0.91 22.17
CA LYS A 425 1.87 0.45 21.69
C LYS A 425 0.98 0.73 20.48
N PHE A 426 0.49 1.96 20.39
CA PHE A 426 -0.27 2.43 19.24
C PHE A 426 0.37 3.69 18.65
N GLY A 427 0.41 3.70 17.32
CA GLY A 427 0.56 4.93 16.53
C GLY A 427 2.00 5.14 16.11
N PHE A 428 2.23 6.29 15.48
CA PHE A 428 3.56 6.67 15.05
C PHE A 428 4.02 7.78 15.99
N PRO A 429 5.03 7.49 16.83
CA PRO A 429 5.50 8.44 17.84
C PRO A 429 5.77 9.87 17.31
N GLY A 430 6.36 10.00 16.13
CA GLY A 430 6.55 11.34 15.55
C GLY A 430 5.30 12.16 15.23
N TRP A 431 4.12 11.51 15.20
CA TRP A 431 2.83 12.19 14.94
C TRP A 431 1.92 12.31 16.19
N SER A 432 2.28 11.59 17.23
CA SER A 432 1.44 11.49 18.43
C SER A 432 1.50 12.75 19.33
ZN ZN B . 1.18 5.50 -4.24
ZN ZN C . 0.53 3.63 -7.88
ZN ZN D . 3.07 -34.62 12.52
O1P FSG E . -1.79 0.39 -5.93
O1P FSG E . -2.00 0.48 -6.12
P FSG E . -1.77 1.52 -6.87
P FSG E . -1.78 1.62 -7.02
O3P FSG E . -2.81 1.42 -7.89
O3P FSG E . -2.77 1.64 -8.10
O2P FSG E . -0.46 1.81 -7.43
O2P FSG E . -0.40 1.76 -7.48
C1 FSG E . -2.24 2.99 -5.89
C1 FSG E . -2.16 3.14 -6.08
F FSG E . -2.73 3.93 -6.74
F FSG E . -3.10 2.86 -5.15
C2 FSG E . -1.07 3.62 -5.21
C2 FSG E . -0.98 3.70 -5.35
O2 FSG E . -0.28 4.29 -5.83
O2 FSG E . -0.15 4.33 -5.97
N3 FSG E . -0.97 3.38 -3.92
N3 FSG E . -0.93 3.49 -4.05
O3 FSG E . 0.06 3.88 -3.19
O3 FSG E . 0.11 3.94 -3.27
C1 EDO F . -5.09 -12.28 14.92
O1 EDO F . -3.79 -12.86 15.18
C2 EDO F . -6.06 -13.40 14.46
O2 EDO F . -5.82 -13.78 13.12
#